data_7T0U
#
_entry.id   7T0U
#
_cell.length_a   55.484
_cell.length_b   72.545
_cell.length_c   67.488
_cell.angle_alpha   90.000
_cell.angle_beta   109.150
_cell.angle_gamma   90.000
#
_symmetry.space_group_name_H-M   'P 1 21 1'
#
loop_
_entity.id
_entity.type
_entity.pdbx_description
1 polymer 'Isoform 2 of B-cell lymphoma 6 protein'
2 non-polymer 'SULFATE ION'
3 non-polymer GLYCEROL
4 non-polymer 'CHLORIDE ION'
5 non-polymer 3-chloro-5-{7-[2-({5-chloro-2-[(2S)-2-methyl-4-(oxetan-3-yl)piperazin-1-yl]pyridin-4-yl}amino)-2-oxoethyl]-3-methyl-4-oxo-2-(trifluoromethyl)-4,7-dihydro-3H-pyrrolo[2,3-d]pyrimidin-5-yl}-2-hydroxybenzamide
6 non-polymer 'DIMETHYL SULFOXIDE'
7 water water
#
_entity_poly.entity_id   1
_entity_poly.type   'polypeptide(L)'
_entity_poly.pdbx_seq_one_letter_code
;GSADSQIQFTRHASDVLLNLNRLRSRDILTDVVIVVSREQFRAHKTVLMACSGLFYSIFTDQLKRNLSVINLDPEINPEG
FNILLDFMYTSRLNLREGNIMAVMATAMYLQMEHVVDTCRKFIKASE
;
_entity_poly.pdbx_strand_id   A,B,C,D
#
loop_
_chem_comp.id
_chem_comp.type
_chem_comp.name
_chem_comp.formula
CL non-polymer 'CHLORIDE ION' 'Cl -1'
DMS non-polymer 'DIMETHYL SULFOXIDE' 'C2 H6 O S'
E3I non-polymer 3-chloro-5-{7-[2-({5-chloro-2-[(2S)-2-methyl-4-(oxetan-3-yl)piperazin-1-yl]pyridin-4-yl}amino)-2-oxoethyl]-3-methyl-4-oxo-2-(trifluoromethyl)-4,7-dihydro-3H-pyrrolo[2,3-d]pyrimidin-5-yl}-2-hydroxybenzamide 'C30 H29 Cl2 F3 N8 O5'
GOL non-polymer GLYCEROL 'C3 H8 O3'
SO4 non-polymer 'SULFATE ION' 'O4 S -2'
#
# COMPACT_ATOMS: atom_id res chain seq x y z
N GLN A 6 7.69 -7.85 -33.63
CA GLN A 6 8.85 -7.89 -32.72
C GLN A 6 8.55 -8.85 -31.56
N ILE A 7 9.58 -9.21 -30.79
CA ILE A 7 9.37 -10.09 -29.66
C ILE A 7 8.52 -9.37 -28.63
N GLN A 8 7.37 -9.95 -28.30
CA GLN A 8 6.44 -9.38 -27.34
C GLN A 8 6.68 -9.98 -25.97
N PHE A 9 6.84 -9.12 -24.97
CA PHE A 9 6.97 -9.54 -23.58
C PHE A 9 5.61 -9.32 -22.95
N THR A 10 4.85 -10.42 -22.78
CA THR A 10 3.45 -10.29 -22.40
C THR A 10 3.26 -9.81 -20.96
N ARG A 11 4.23 -9.96 -20.08
CA ARG A 11 4.13 -9.54 -18.68
C ARG A 11 4.76 -8.18 -18.45
N HIS A 12 5.38 -7.58 -19.45
CA HIS A 12 6.15 -6.37 -19.21
C HIS A 12 5.27 -5.21 -18.71
N ALA A 13 4.14 -4.96 -19.36
CA ALA A 13 3.34 -3.79 -19.00
C ALA A 13 2.80 -3.93 -17.58
N SER A 14 2.36 -5.13 -17.19
CA SER A 14 1.86 -5.30 -15.83
CA SER A 14 1.86 -5.33 -15.83
C SER A 14 2.97 -5.17 -14.81
N ASP A 15 4.18 -5.66 -15.13
CA ASP A 15 5.32 -5.50 -14.23
C ASP A 15 5.72 -4.02 -14.11
N VAL A 16 5.67 -3.26 -15.20
CA VAL A 16 5.92 -1.82 -15.12
C VAL A 16 4.94 -1.20 -14.14
N LEU A 17 3.64 -1.49 -14.29
CA LEU A 17 2.63 -0.87 -13.47
C LEU A 17 2.82 -1.24 -12.01
N LEU A 18 3.16 -2.51 -11.74
CA LEU A 18 3.43 -2.93 -10.37
C LEU A 18 4.56 -2.10 -9.77
N ASN A 19 5.62 -1.89 -10.55
CA ASN A 19 6.75 -1.11 -10.07
C ASN A 19 6.39 0.36 -9.87
N LEU A 20 5.52 0.90 -10.72
CA LEU A 20 5.02 2.25 -10.51
C LEU A 20 4.23 2.35 -9.21
N ASN A 21 3.40 1.32 -8.91
CA ASN A 21 2.65 1.33 -7.68
C ASN A 21 3.57 1.21 -6.48
N ARG A 22 4.65 0.43 -6.61
CA ARG A 22 5.65 0.37 -5.55
C ARG A 22 6.31 1.74 -5.33
N LEU A 23 6.65 2.46 -6.40
CA LEU A 23 7.17 3.82 -6.23
C LEU A 23 6.16 4.72 -5.53
N ARG A 24 4.89 4.61 -5.88
CA ARG A 24 3.88 5.44 -5.22
C ARG A 24 3.81 5.13 -3.72
N SER A 25 3.87 3.83 -3.35
CA SER A 25 3.82 3.42 -1.95
C SER A 25 5.00 3.96 -1.15
N ARG A 26 6.15 4.12 -1.80
CA ARG A 26 7.35 4.66 -1.17
C ARG A 26 7.49 6.16 -1.35
N ASP A 27 6.52 6.81 -2.01
CA ASP A 27 6.54 8.25 -2.26
C ASP A 27 7.76 8.70 -3.04
N ILE A 28 8.15 7.90 -4.03
CA ILE A 28 9.31 8.18 -4.87
C ILE A 28 8.83 8.80 -6.17
N LEU A 29 9.31 10.03 -6.45
CA LEU A 29 9.02 10.78 -7.65
C LEU A 29 7.56 11.13 -7.84
N THR A 30 6.76 11.02 -6.79
CA THR A 30 5.39 11.55 -6.87
C THR A 30 5.50 13.06 -7.00
N ASP A 31 4.62 13.64 -7.80
CA ASP A 31 4.73 15.05 -8.18
C ASP A 31 3.41 15.79 -8.05
N VAL A 32 2.41 15.17 -7.44
CA VAL A 32 1.12 15.81 -7.25
C VAL A 32 0.45 15.23 -6.02
N VAL A 33 -0.31 16.07 -5.34
CA VAL A 33 -1.23 15.61 -4.33
CA VAL A 33 -1.24 15.67 -4.29
C VAL A 33 -2.64 15.97 -4.78
N ILE A 34 -3.54 14.98 -4.71
CA ILE A 34 -4.94 15.16 -5.05
C ILE A 34 -5.69 15.23 -3.73
N VAL A 35 -6.48 16.28 -3.55
CA VAL A 35 -7.22 16.52 -2.32
C VAL A 35 -8.69 16.26 -2.61
N VAL A 36 -9.29 15.41 -1.78
CA VAL A 36 -10.68 14.99 -1.92
C VAL A 36 -11.29 15.13 -0.53
N SER A 37 -12.00 16.24 -0.32
CA SER A 37 -12.55 16.59 1.00
C SER A 37 -11.40 16.63 1.98
N ARG A 38 -11.41 15.84 3.04
CA ARG A 38 -10.35 15.92 4.05
C ARG A 38 -9.24 14.91 3.83
N GLU A 39 -9.22 14.23 2.67
CA GLU A 39 -8.21 13.22 2.38
C GLU A 39 -7.29 13.66 1.25
N GLN A 40 -6.02 13.27 1.37
CA GLN A 40 -4.96 13.61 0.43
C GLN A 40 -4.37 12.34 -0.16
N PHE A 41 -4.11 12.38 -1.46
CA PHE A 41 -3.55 11.24 -2.21
C PHE A 41 -2.36 11.68 -3.03
N ARG A 42 -1.20 11.09 -2.77
CA ARG A 42 -0.03 11.40 -3.60
C ARG A 42 0.03 10.47 -4.80
N ALA A 43 0.47 11.01 -5.93
CA ALA A 43 0.50 10.22 -7.16
C ALA A 43 1.52 10.80 -8.12
N HIS A 44 1.66 10.09 -9.25
CA HIS A 44 2.46 10.53 -10.39
C HIS A 44 1.54 11.10 -11.47
N LYS A 45 1.83 12.33 -11.89
CA LYS A 45 0.98 12.94 -12.90
C LYS A 45 0.90 12.07 -14.15
N THR A 46 2.02 11.47 -14.57
CA THR A 46 2.01 10.67 -15.77
C THR A 46 0.97 9.56 -15.68
N VAL A 47 0.89 8.88 -14.54
CA VAL A 47 -0.07 7.80 -14.38
C VAL A 47 -1.50 8.33 -14.38
N LEU A 48 -1.73 9.43 -13.67
CA LEU A 48 -3.06 10.01 -13.69
C LEU A 48 -3.50 10.38 -15.09
N MET A 49 -2.60 11.00 -15.85
CA MET A 49 -2.92 11.44 -17.22
C MET A 49 -3.20 10.22 -18.08
N ALA A 50 -2.46 9.14 -17.87
CA ALA A 50 -2.63 7.94 -18.67
C ALA A 50 -3.92 7.22 -18.39
N CYS A 51 -4.55 7.50 -17.25
CA CYS A 51 -5.69 6.73 -16.80
C CYS A 51 -7.02 7.50 -16.77
N SER A 52 -7.02 8.79 -17.02
CA SER A 52 -8.20 9.61 -16.72
C SER A 52 -8.31 10.77 -17.71
N GLY A 53 -9.50 10.96 -18.32
CA GLY A 53 -9.68 12.12 -19.18
C GLY A 53 -9.58 13.43 -18.41
N LEU A 54 -10.08 13.46 -17.18
CA LEU A 54 -10.02 14.68 -16.40
C LEU A 54 -8.58 15.07 -16.15
N PHE A 55 -7.78 14.12 -15.66
CA PHE A 55 -6.38 14.44 -15.38
C PHE A 55 -5.59 14.73 -16.64
N TYR A 56 -5.87 14.02 -17.74
CA TYR A 56 -5.25 14.40 -19.00
C TYR A 56 -5.57 15.85 -19.35
N SER A 57 -6.83 16.27 -19.18
CA SER A 57 -7.20 17.64 -19.51
CA SER A 57 -7.21 17.64 -19.50
C SER A 57 -6.55 18.64 -18.58
N ILE A 58 -6.53 18.36 -17.29
CA ILE A 58 -5.89 19.25 -16.33
C ILE A 58 -4.42 19.45 -16.67
N PHE A 59 -3.69 18.35 -16.88
CA PHE A 59 -2.23 18.44 -17.01
C PHE A 59 -1.78 18.74 -18.43
N THR A 60 -2.71 18.97 -19.35
CA THR A 60 -2.42 19.59 -20.62
C THR A 60 -2.98 21.00 -20.73
N ASP A 61 -3.59 21.53 -19.67
CA ASP A 61 -4.11 22.90 -19.64
C ASP A 61 -3.02 23.85 -19.15
N GLN A 62 -2.74 24.90 -19.92
CA GLN A 62 -1.68 25.84 -19.52
C GLN A 62 -1.93 26.42 -18.13
N LEU A 63 -3.20 26.68 -17.80
CA LEU A 63 -3.50 27.32 -16.53
C LEU A 63 -3.28 26.40 -15.35
N LYS A 64 -3.34 25.09 -15.54
CA LYS A 64 -3.34 24.13 -14.44
C LYS A 64 -2.18 23.14 -14.43
N ARG A 65 -1.47 22.97 -15.53
CA ARG A 65 -0.57 21.83 -15.66
C ARG A 65 0.59 21.85 -14.66
N ASN A 66 1.00 23.02 -14.18
CA ASN A 66 2.13 23.08 -13.26
C ASN A 66 1.73 23.03 -11.79
N LEU A 67 0.45 22.84 -11.50
CA LEU A 67 0.03 22.76 -10.11
C LEU A 67 0.54 21.47 -9.47
N SER A 68 0.95 21.57 -8.21
CA SER A 68 1.36 20.38 -7.47
C SER A 68 0.30 19.89 -6.51
N VAL A 69 -0.79 20.66 -6.36
CA VAL A 69 -1.95 20.28 -5.55
C VAL A 69 -3.17 20.49 -6.43
N ILE A 70 -4.00 19.46 -6.55
CA ILE A 70 -5.26 19.52 -7.24
C ILE A 70 -6.37 19.24 -6.24
N ASN A 71 -7.30 20.18 -6.09
CA ASN A 71 -8.48 19.98 -5.26
C ASN A 71 -9.63 19.49 -6.13
N LEU A 72 -10.09 18.28 -5.89
CA LEU A 72 -11.21 17.76 -6.62
C LEU A 72 -12.51 18.31 -6.04
N ASP A 73 -13.56 18.21 -6.83
CA ASP A 73 -14.90 18.57 -6.36
C ASP A 73 -15.17 18.00 -4.97
N PRO A 74 -15.57 18.85 -4.01
CA PRO A 74 -15.84 18.38 -2.64
C PRO A 74 -16.97 17.37 -2.52
N GLU A 75 -17.82 17.22 -3.55
CA GLU A 75 -18.87 16.24 -3.50
C GLU A 75 -18.37 14.84 -3.83
N ILE A 76 -17.15 14.69 -4.33
CA ILE A 76 -16.62 13.38 -4.63
C ILE A 76 -16.33 12.64 -3.32
N ASN A 77 -16.72 11.37 -3.27
CA ASN A 77 -16.52 10.52 -2.11
C ASN A 77 -15.07 10.05 -2.10
N PRO A 78 -14.31 10.28 -1.02
CA PRO A 78 -12.89 9.87 -1.01
C PRO A 78 -12.71 8.38 -1.23
N GLU A 79 -13.63 7.55 -0.71
CA GLU A 79 -13.51 6.12 -0.94
C GLU A 79 -13.66 5.80 -2.41
N GLY A 80 -14.59 6.45 -3.10
CA GLY A 80 -14.67 6.25 -4.53
C GLY A 80 -13.38 6.62 -5.24
N PHE A 81 -12.78 7.74 -4.86
CA PHE A 81 -11.52 8.12 -5.50
C PHE A 81 -10.42 7.13 -5.16
N ASN A 82 -10.34 6.71 -3.90
CA ASN A 82 -9.32 5.73 -3.48
C ASN A 82 -9.41 4.45 -4.29
N ILE A 83 -10.62 3.93 -4.50
CA ILE A 83 -10.84 2.71 -5.29
C ILE A 83 -10.34 2.92 -6.71
N LEU A 84 -10.61 4.10 -7.29
CA LEU A 84 -10.20 4.37 -8.65
C LEU A 84 -8.71 4.60 -8.77
N LEU A 85 -8.11 5.26 -7.79
CA LEU A 85 -6.63 5.44 -7.84
C LEU A 85 -5.92 4.10 -7.69
N ASP A 86 -6.40 3.24 -6.79
CA ASP A 86 -5.86 1.88 -6.73
C ASP A 86 -6.03 1.14 -8.05
N PHE A 87 -7.20 1.31 -8.70
CA PHE A 87 -7.38 0.69 -10.01
C PHE A 87 -6.34 1.20 -11.00
N MET A 88 -6.11 2.51 -11.02
CA MET A 88 -5.15 3.03 -11.95
C MET A 88 -3.81 2.34 -11.85
N TYR A 89 -3.37 2.08 -10.63
CA TYR A 89 -2.05 1.53 -10.34
C TYR A 89 -2.00 0.01 -10.28
N THR A 90 -3.13 -0.67 -10.43
CA THR A 90 -3.16 -2.12 -10.25
C THR A 90 -3.94 -2.89 -11.30
N SER A 91 -4.84 -2.26 -12.05
CA SER A 91 -5.76 -2.93 -12.97
C SER A 91 -6.90 -3.65 -12.30
N ARG A 92 -7.02 -3.55 -10.98
CA ARG A 92 -8.04 -4.29 -10.23
C ARG A 92 -9.04 -3.30 -9.67
N LEU A 93 -10.30 -3.54 -9.95
CA LEU A 93 -11.40 -2.66 -9.57
C LEU A 93 -12.27 -3.40 -8.56
N ASN A 94 -12.35 -2.87 -7.36
CA ASN A 94 -13.10 -3.50 -6.28
C ASN A 94 -14.49 -2.87 -6.17
N LEU A 95 -15.50 -3.53 -6.74
CA LEU A 95 -16.87 -3.04 -6.75
C LEU A 95 -17.72 -3.83 -5.76
N ARG A 96 -18.60 -3.12 -5.06
CA ARG A 96 -19.53 -3.76 -4.15
C ARG A 96 -20.84 -2.97 -4.17
N GLU A 97 -21.92 -3.61 -3.73
CA GLU A 97 -23.20 -2.92 -3.71
C GLU A 97 -23.12 -1.64 -2.88
N GLY A 98 -22.33 -1.67 -1.80
CA GLY A 98 -22.19 -0.54 -0.91
C GLY A 98 -21.34 0.60 -1.46
N ASN A 99 -20.56 0.37 -2.52
CA ASN A 99 -19.75 1.43 -3.13
C ASN A 99 -20.03 1.68 -4.60
N ILE A 100 -20.94 0.94 -5.24
CA ILE A 100 -21.03 1.03 -6.71
C ILE A 100 -21.43 2.43 -7.16
N MET A 101 -22.40 3.04 -6.48
CA MET A 101 -22.87 4.35 -6.94
C MET A 101 -21.76 5.39 -6.84
N ALA A 102 -21.02 5.38 -5.73
CA ALA A 102 -19.91 6.32 -5.55
C ALA A 102 -18.80 6.07 -6.56
N VAL A 103 -18.46 4.80 -6.79
CA VAL A 103 -17.39 4.54 -7.78
C VAL A 103 -17.84 4.99 -9.17
N MET A 104 -19.09 4.69 -9.52
CA MET A 104 -19.58 5.04 -10.86
C MET A 104 -19.58 6.54 -11.05
N ALA A 105 -20.10 7.28 -10.07
CA ALA A 105 -20.10 8.75 -10.20
C ALA A 105 -18.70 9.32 -10.24
N THR A 106 -17.78 8.73 -9.45
CA THR A 106 -16.40 9.22 -9.47
C THR A 106 -15.73 8.92 -10.81
N ALA A 107 -16.02 7.76 -11.39
CA ALA A 107 -15.47 7.41 -12.69
C ALA A 107 -16.01 8.29 -13.81
N MET A 108 -17.28 8.70 -13.74
CA MET A 108 -17.80 9.67 -14.69
C MET A 108 -17.03 10.99 -14.61
N TYR A 109 -16.85 11.48 -13.39
CA TYR A 109 -16.14 12.71 -13.15
C TYR A 109 -14.70 12.63 -13.64
N LEU A 110 -14.03 11.52 -13.34
CA LEU A 110 -12.66 11.35 -13.79
C LEU A 110 -12.56 10.99 -15.28
N GLN A 111 -13.67 10.75 -15.93
CA GLN A 111 -13.69 10.41 -17.36
C GLN A 111 -12.91 9.14 -17.66
N MET A 112 -13.35 8.07 -17.03
CA MET A 112 -12.80 6.72 -17.17
C MET A 112 -13.89 5.83 -17.75
N GLU A 113 -13.99 5.84 -19.07
CA GLU A 113 -15.20 5.30 -19.73
C GLU A 113 -15.37 3.80 -19.55
N HIS A 114 -14.27 3.04 -19.62
N HIS A 114 -14.28 3.05 -19.63
CA HIS A 114 -14.39 1.60 -19.45
CA HIS A 114 -14.41 1.60 -19.44
C HIS A 114 -14.77 1.24 -18.01
C HIS A 114 -14.79 1.25 -18.01
N VAL A 115 -14.29 2.00 -17.02
CA VAL A 115 -14.75 1.81 -15.65
C VAL A 115 -16.26 2.07 -15.56
N VAL A 116 -16.75 3.18 -16.15
CA VAL A 116 -18.18 3.46 -16.08
C VAL A 116 -18.97 2.33 -16.74
N ASP A 117 -18.52 1.83 -17.89
CA ASP A 117 -19.22 0.73 -18.53
C ASP A 117 -19.24 -0.51 -17.63
N THR A 118 -18.14 -0.77 -16.92
CA THR A 118 -18.11 -1.93 -16.02
C THR A 118 -19.05 -1.74 -14.84
N CYS A 119 -19.17 -0.50 -14.36
CA CYS A 119 -20.16 -0.20 -13.33
C CYS A 119 -21.58 -0.40 -13.84
N ARG A 120 -21.87 -0.02 -15.07
CA ARG A 120 -23.19 -0.32 -15.63
C ARG A 120 -23.43 -1.82 -15.69
N LYS A 121 -22.41 -2.60 -16.05
CA LYS A 121 -22.57 -4.05 -16.10
C LYS A 121 -22.83 -4.59 -14.70
N PHE A 122 -22.21 -4.01 -13.69
CA PHE A 122 -22.45 -4.45 -12.31
C PHE A 122 -23.87 -4.15 -11.89
N ILE A 123 -24.39 -2.99 -12.27
CA ILE A 123 -25.79 -2.66 -12.00
C ILE A 123 -26.71 -3.67 -12.70
N LYS A 124 -26.42 -4.00 -13.97
CA LYS A 124 -27.24 -4.97 -14.69
C LYS A 124 -27.25 -6.31 -13.96
N ALA A 125 -26.11 -6.71 -13.41
CA ALA A 125 -25.97 -7.99 -12.72
C ALA A 125 -26.58 -8.01 -11.33
N SER A 126 -26.81 -6.86 -10.70
CA SER A 126 -27.20 -6.81 -9.31
C SER A 126 -28.56 -6.16 -9.04
N GLU A 127 -29.03 -5.23 -9.86
CA GLU A 127 -30.29 -4.52 -9.62
C GLU A 127 -31.43 -5.54 -9.67
N ALA B 3 -23.63 -8.69 -5.53
CA ALA B 3 -23.43 -7.68 -4.49
C ALA B 3 -21.94 -7.39 -4.23
N ASP B 4 -21.04 -8.08 -4.92
CA ASP B 4 -19.62 -7.77 -4.83
C ASP B 4 -18.86 -8.43 -5.96
N SER B 5 -17.80 -7.77 -6.44
CA SER B 5 -17.05 -8.25 -7.60
C SER B 5 -15.67 -7.62 -7.63
N GLN B 6 -14.63 -8.43 -7.81
CA GLN B 6 -13.27 -7.93 -7.96
C GLN B 6 -12.86 -8.12 -9.41
N ILE B 7 -12.75 -7.01 -10.16
CA ILE B 7 -12.66 -7.06 -11.61
C ILE B 7 -11.25 -6.71 -12.07
N GLN B 8 -10.68 -7.61 -12.84
CA GLN B 8 -9.37 -7.38 -13.46
CA GLN B 8 -9.37 -7.38 -13.46
C GLN B 8 -9.58 -6.87 -14.88
N PHE B 9 -8.96 -5.74 -15.20
CA PHE B 9 -9.03 -5.15 -16.54
C PHE B 9 -7.76 -5.59 -17.26
N THR B 10 -7.91 -6.57 -18.15
CA THR B 10 -6.71 -7.20 -18.72
C THR B 10 -5.92 -6.30 -19.67
N ARG B 11 -6.54 -5.27 -20.24
N ARG B 11 -6.57 -5.27 -20.23
CA ARG B 11 -5.83 -4.36 -21.14
CA ARG B 11 -5.90 -4.35 -21.14
C ARG B 11 -5.41 -3.07 -20.47
C ARG B 11 -5.32 -3.14 -20.44
N HIS B 12 -5.66 -2.93 -19.16
CA HIS B 12 -5.34 -1.66 -18.51
C HIS B 12 -3.84 -1.38 -18.52
N ALA B 13 -3.02 -2.35 -18.11
CA ALA B 13 -1.59 -2.04 -17.98
C ALA B 13 -0.99 -1.71 -19.33
N SER B 14 -1.38 -2.44 -20.39
CA SER B 14 -0.83 -2.12 -21.69
CA SER B 14 -0.87 -2.15 -21.72
C SER B 14 -1.34 -0.79 -22.20
N ASP B 15 -2.57 -0.44 -21.87
CA ASP B 15 -3.09 0.87 -22.24
C ASP B 15 -2.38 2.01 -21.48
N VAL B 16 -2.07 1.80 -20.20
CA VAL B 16 -1.29 2.79 -19.47
C VAL B 16 0.05 3.01 -20.16
N LEU B 17 0.75 1.91 -20.47
CA LEU B 17 2.08 2.00 -21.08
C LEU B 17 2.01 2.71 -22.44
N LEU B 18 0.98 2.43 -23.25
CA LEU B 18 0.82 3.14 -24.52
C LEU B 18 0.68 4.63 -24.27
N ASN B 19 -0.10 5.01 -23.27
CA ASN B 19 -0.26 6.43 -22.98
C ASN B 19 1.03 7.04 -22.43
N LEU B 20 1.83 6.29 -21.67
CA LEU B 20 3.13 6.81 -21.26
C LEU B 20 4.04 7.02 -22.47
N ASN B 21 4.03 6.09 -23.44
CA ASN B 21 4.82 6.23 -24.63
C ASN B 21 4.34 7.41 -25.44
N ARG B 22 3.02 7.65 -25.46
CA ARG B 22 2.53 8.83 -26.16
C ARG B 22 3.05 10.10 -25.50
N LEU B 23 3.04 10.15 -24.15
CA LEU B 23 3.59 11.32 -23.47
C LEU B 23 5.05 11.50 -23.78
N ARG B 24 5.83 10.41 -23.76
N ARG B 24 5.82 10.40 -23.75
CA ARG B 24 7.25 10.55 -24.07
CA ARG B 24 7.24 10.46 -24.08
C ARG B 24 7.43 11.06 -25.49
C ARG B 24 7.44 11.01 -25.48
N SER B 25 6.65 10.52 -26.44
CA SER B 25 6.81 10.96 -27.83
C SER B 25 6.52 12.44 -28.02
N ARG B 26 5.74 13.06 -27.14
CA ARG B 26 5.42 14.47 -27.15
C ARG B 26 6.24 15.28 -26.15
N ASP B 27 7.17 14.63 -25.44
CA ASP B 27 8.04 15.29 -24.47
C ASP B 27 7.25 15.89 -23.30
N ILE B 28 6.15 15.24 -22.94
CA ILE B 28 5.31 15.70 -21.83
C ILE B 28 5.76 14.99 -20.56
N LEU B 29 6.12 15.80 -19.55
CA LEU B 29 6.50 15.34 -18.22
C LEU B 29 7.77 14.51 -18.19
N THR B 30 8.50 14.46 -19.30
CA THR B 30 9.81 13.85 -19.25
C THR B 30 10.67 14.69 -18.32
N ASP B 31 11.51 14.01 -17.55
CA ASP B 31 12.24 14.66 -16.48
C ASP B 31 13.71 14.32 -16.45
N VAL B 32 14.23 13.66 -17.50
CA VAL B 32 15.65 13.34 -17.51
C VAL B 32 16.06 13.18 -18.95
N VAL B 33 17.32 13.50 -19.21
CA VAL B 33 18.00 13.17 -20.46
C VAL B 33 19.08 12.17 -20.12
N ILE B 34 19.07 11.04 -20.80
CA ILE B 34 20.12 10.02 -20.67
C ILE B 34 21.08 10.25 -21.82
N VAL B 35 22.36 10.42 -21.51
CA VAL B 35 23.39 10.66 -22.51
C VAL B 35 24.22 9.39 -22.69
N VAL B 36 24.26 8.90 -23.93
CA VAL B 36 24.96 7.66 -24.28
C VAL B 36 25.83 8.00 -25.48
N SER B 37 27.10 8.29 -25.23
CA SER B 37 28.04 8.57 -26.33
C SER B 37 27.49 9.69 -27.22
N ARG B 38 27.18 9.41 -28.51
CA ARG B 38 26.72 10.40 -29.48
C ARG B 38 25.18 10.47 -29.62
N GLU B 39 24.44 10.10 -28.59
CA GLU B 39 22.99 10.28 -28.60
C GLU B 39 22.46 10.67 -27.20
N GLN B 40 21.50 11.60 -27.17
CA GLN B 40 20.76 12.00 -25.96
C GLN B 40 19.36 11.41 -26.11
N PHE B 41 18.77 10.93 -25.00
CA PHE B 41 17.43 10.32 -25.00
C PHE B 41 16.59 10.90 -23.86
N ARG B 42 15.40 11.44 -24.16
CA ARG B 42 14.53 11.93 -23.09
C ARG B 42 13.62 10.81 -22.57
N ALA B 43 13.36 10.82 -21.26
CA ALA B 43 12.53 9.78 -20.70
C ALA B 43 11.89 10.26 -19.42
N HIS B 44 11.02 9.39 -18.87
CA HIS B 44 10.43 9.55 -17.57
C HIS B 44 11.23 8.70 -16.59
N LYS B 45 11.75 9.34 -15.53
CA LYS B 45 12.50 8.60 -14.52
C LYS B 45 11.72 7.43 -13.94
N THR B 46 10.43 7.61 -13.68
CA THR B 46 9.67 6.50 -13.11
C THR B 46 9.66 5.28 -14.02
N VAL B 47 9.52 5.46 -15.35
CA VAL B 47 9.54 4.36 -16.28
C VAL B 47 10.90 3.70 -16.30
N LEU B 48 11.97 4.50 -16.30
CA LEU B 48 13.32 3.95 -16.27
C LEU B 48 13.54 3.10 -15.04
N MET B 49 13.10 3.60 -13.88
CA MET B 49 13.26 2.86 -12.64
C MET B 49 12.44 1.57 -12.64
N ALA B 50 11.27 1.62 -13.25
CA ALA B 50 10.39 0.46 -13.29
C ALA B 50 10.93 -0.64 -14.18
N CYS B 51 11.85 -0.31 -15.09
CA CYS B 51 12.31 -1.23 -16.12
C CYS B 51 13.75 -1.66 -16.04
N SER B 52 14.55 -1.11 -15.12
CA SER B 52 16.00 -1.32 -15.16
C SER B 52 16.54 -1.29 -13.74
N GLY B 53 17.31 -2.31 -13.36
CA GLY B 53 18.00 -2.28 -12.08
C GLY B 53 18.96 -1.11 -11.94
N LEU B 54 19.65 -0.75 -13.04
CA LEU B 54 20.59 0.36 -12.97
C LEU B 54 19.88 1.66 -12.66
N PHE B 55 18.79 1.95 -13.40
CA PHE B 55 18.09 3.18 -13.17
C PHE B 55 17.39 3.17 -11.82
N TYR B 56 16.86 2.04 -11.42
CA TYR B 56 16.33 1.90 -10.06
C TYR B 56 17.35 2.31 -9.02
N SER B 57 18.55 1.79 -9.13
CA SER B 57 19.57 2.11 -8.15
CA SER B 57 19.58 2.10 -8.14
C SER B 57 19.99 3.57 -8.20
N ILE B 58 20.12 4.10 -9.39
CA ILE B 58 20.53 5.49 -9.55
C ILE B 58 19.52 6.41 -8.91
N PHE B 59 18.24 6.28 -9.29
CA PHE B 59 17.27 7.29 -8.86
C PHE B 59 16.70 7.04 -7.47
N THR B 60 16.90 5.87 -6.89
CA THR B 60 16.55 5.70 -5.51
C THR B 60 17.53 6.46 -4.64
N ASP B 61 18.79 6.60 -5.09
CA ASP B 61 19.80 7.36 -4.36
C ASP B 61 19.40 8.82 -4.26
N GLN B 62 19.20 9.31 -3.04
CA GLN B 62 18.69 10.67 -2.87
C GLN B 62 19.65 11.70 -3.41
N LEU B 63 20.93 11.38 -3.51
CA LEU B 63 21.88 12.36 -4.06
C LEU B 63 21.81 12.45 -5.58
N LYS B 64 21.18 11.49 -6.24
CA LYS B 64 21.03 11.47 -7.69
C LYS B 64 19.58 11.56 -8.15
N ARG B 65 18.62 11.44 -7.24
CA ARG B 65 17.22 11.35 -7.63
C ARG B 65 16.75 12.52 -8.46
N ASN B 66 17.16 13.73 -8.12
CA ASN B 66 16.65 14.93 -8.77
C ASN B 66 17.53 15.42 -9.92
N LEU B 67 18.52 14.63 -10.33
CA LEU B 67 19.34 15.02 -11.46
C LEU B 67 18.53 15.01 -12.75
N SER B 68 18.84 15.98 -13.62
CA SER B 68 18.12 16.08 -14.88
C SER B 68 18.90 15.50 -16.06
N VAL B 69 20.17 15.15 -15.88
CA VAL B 69 21.00 14.54 -16.91
C VAL B 69 21.74 13.39 -16.25
N ILE B 70 21.73 12.22 -16.88
CA ILE B 70 22.51 11.08 -16.44
C ILE B 70 23.42 10.66 -17.59
N ASN B 71 24.72 10.62 -17.34
CA ASN B 71 25.67 10.16 -18.34
C ASN B 71 25.97 8.68 -18.12
N LEU B 72 25.65 7.87 -19.11
CA LEU B 72 25.94 6.45 -19.03
C LEU B 72 27.36 6.18 -19.49
N ASP B 73 27.84 5.00 -19.22
CA ASP B 73 29.17 4.56 -19.64
C ASP B 73 29.33 4.84 -21.14
N PRO B 74 30.36 5.58 -21.54
CA PRO B 74 30.51 5.91 -22.97
C PRO B 74 30.73 4.71 -23.89
N GLU B 75 31.07 3.54 -23.38
CA GLU B 75 31.25 2.36 -24.22
C GLU B 75 29.95 1.68 -24.60
N ILE B 76 28.82 2.13 -24.03
CA ILE B 76 27.52 1.58 -24.40
C ILE B 76 27.14 2.03 -25.80
N ASN B 77 26.65 1.08 -26.57
CA ASN B 77 26.18 1.36 -27.92
C ASN B 77 24.87 2.14 -27.85
N PRO B 78 24.82 3.36 -28.36
CA PRO B 78 23.55 4.10 -28.26
C PRO B 78 22.41 3.46 -29.02
N GLU B 79 22.68 2.71 -30.10
CA GLU B 79 21.60 2.04 -30.80
C GLU B 79 21.03 0.90 -29.97
N GLY B 80 21.88 0.18 -29.25
CA GLY B 80 21.40 -0.80 -28.30
C GLY B 80 20.54 -0.16 -27.23
N PHE B 81 20.99 0.97 -26.71
CA PHE B 81 20.19 1.65 -25.70
C PHE B 81 18.83 2.03 -26.27
N ASN B 82 18.80 2.56 -27.50
CA ASN B 82 17.52 2.98 -28.07
C ASN B 82 16.55 1.81 -28.23
N ILE B 83 17.06 0.65 -28.64
CA ILE B 83 16.23 -0.54 -28.72
C ILE B 83 15.64 -0.86 -27.36
N LEU B 84 16.45 -0.75 -26.32
CA LEU B 84 15.95 -1.09 -24.98
C LEU B 84 14.98 -0.03 -24.45
N LEU B 85 15.26 1.24 -24.73
CA LEU B 85 14.32 2.29 -24.31
C LEU B 85 12.96 2.12 -24.98
N ASP B 86 12.96 1.80 -26.27
CA ASP B 86 11.71 1.53 -26.96
C ASP B 86 11.00 0.32 -26.35
N PHE B 87 11.76 -0.73 -26.02
CA PHE B 87 11.19 -1.88 -25.33
C PHE B 87 10.54 -1.46 -24.03
N MET B 88 11.20 -0.59 -23.24
CA MET B 88 10.63 -0.21 -21.96
C MET B 88 9.22 0.36 -22.12
N TYR B 89 9.04 1.19 -23.13
CA TYR B 89 7.80 1.88 -23.38
C TYR B 89 6.78 1.14 -24.27
N THR B 90 7.12 -0.05 -24.77
CA THR B 90 6.24 -0.74 -25.72
C THR B 90 6.03 -2.23 -25.44
N SER B 91 6.89 -2.88 -24.64
CA SER B 91 6.92 -4.32 -24.44
C SER B 91 7.40 -5.11 -25.67
N ARG B 92 7.90 -4.43 -26.69
CA ARG B 92 8.32 -5.08 -27.93
C ARG B 92 9.82 -4.91 -28.08
N LEU B 93 10.51 -6.02 -28.35
CA LEU B 93 11.96 -6.03 -28.41
C LEU B 93 12.38 -6.48 -29.80
N ASN B 94 13.05 -5.62 -30.51
CA ASN B 94 13.51 -5.94 -31.88
C ASN B 94 14.91 -6.55 -31.85
N LEU B 95 15.00 -7.87 -31.79
CA LEU B 95 16.28 -8.57 -31.83
C LEU B 95 16.54 -9.07 -33.24
N ARG B 96 17.75 -8.82 -33.72
CA ARG B 96 18.21 -9.24 -35.03
C ARG B 96 19.66 -9.69 -34.89
N GLU B 97 20.16 -10.48 -35.85
CA GLU B 97 21.55 -10.90 -35.74
C GLU B 97 22.49 -9.70 -35.73
N GLY B 98 22.12 -8.63 -36.42
CA GLY B 98 22.98 -7.48 -36.45
C GLY B 98 23.00 -6.65 -35.21
N ASN B 99 22.10 -6.89 -34.27
CA ASN B 99 22.08 -6.11 -33.05
C ASN B 99 22.12 -6.94 -31.78
N ILE B 100 22.13 -8.28 -31.87
CA ILE B 100 21.89 -9.08 -30.67
C ILE B 100 22.98 -8.86 -29.62
N MET B 101 24.24 -8.84 -30.05
CA MET B 101 25.32 -8.70 -29.07
C MET B 101 25.28 -7.33 -28.39
N ALA B 102 25.01 -6.27 -29.14
CA ALA B 102 24.90 -4.95 -28.54
C ALA B 102 23.69 -4.84 -27.60
N VAL B 103 22.54 -5.37 -28.00
CA VAL B 103 21.37 -5.34 -27.12
C VAL B 103 21.65 -6.13 -25.85
N MET B 104 22.24 -7.32 -25.99
CA MET B 104 22.52 -8.17 -24.83
C MET B 104 23.46 -7.47 -23.85
N ALA B 105 24.56 -6.92 -24.34
CA ALA B 105 25.51 -6.23 -23.48
C ALA B 105 24.85 -5.02 -22.83
N THR B 106 24.03 -4.29 -23.57
CA THR B 106 23.38 -3.12 -22.97
C THR B 106 22.39 -3.53 -21.88
N ALA B 107 21.66 -4.61 -22.11
CA ALA B 107 20.71 -5.13 -21.14
C ALA B 107 21.41 -5.64 -19.89
N MET B 108 22.61 -6.22 -20.02
CA MET B 108 23.39 -6.57 -18.83
C MET B 108 23.72 -5.32 -18.02
N TYR B 109 24.18 -4.28 -18.69
CA TYR B 109 24.55 -3.05 -17.99
C TYR B 109 23.34 -2.38 -17.36
N LEU B 110 22.21 -2.36 -18.07
CA LEU B 110 20.99 -1.78 -17.49
C LEU B 110 20.33 -2.68 -16.45
N GLN B 111 20.79 -3.90 -16.30
CA GLN B 111 20.23 -4.85 -15.33
C GLN B 111 18.77 -5.14 -15.65
N MET B 112 18.58 -5.70 -16.84
CA MET B 112 17.27 -6.14 -17.35
C MET B 112 17.38 -7.63 -17.61
N GLU B 113 17.10 -8.43 -16.58
CA GLU B 113 17.50 -9.84 -16.65
C GLU B 113 16.66 -10.64 -17.63
N HIS B 114 15.36 -10.37 -17.73
CA HIS B 114 14.53 -11.14 -18.66
C HIS B 114 14.89 -10.79 -20.11
N VAL B 115 15.28 -9.56 -20.38
CA VAL B 115 15.84 -9.24 -21.69
C VAL B 115 17.11 -10.04 -21.95
N VAL B 116 18.03 -10.06 -20.98
CA VAL B 116 19.28 -10.81 -21.16
C VAL B 116 18.97 -12.26 -21.45
N ASP B 117 18.06 -12.84 -20.68
CA ASP B 117 17.75 -14.24 -20.89
C ASP B 117 17.14 -14.47 -22.27
N THR B 118 16.29 -13.56 -22.74
CA THR B 118 15.72 -13.69 -24.08
C THR B 118 16.81 -13.59 -25.15
N CYS B 119 17.82 -12.75 -24.90
CA CYS B 119 18.97 -12.69 -25.78
C CYS B 119 19.70 -14.02 -25.85
N ARG B 120 19.88 -14.66 -24.70
CA ARG B 120 20.52 -15.98 -24.68
C ARG B 120 19.68 -17.00 -25.44
N LYS B 121 18.37 -16.95 -25.30
CA LYS B 121 17.52 -17.84 -26.11
C LYS B 121 17.67 -17.55 -27.59
N PHE B 122 17.80 -16.29 -27.97
CA PHE B 122 18.03 -15.96 -29.38
C PHE B 122 19.34 -16.56 -29.88
N ILE B 123 20.40 -16.41 -29.10
CA ILE B 123 21.69 -17.02 -29.43
C ILE B 123 21.55 -18.53 -29.58
N LYS B 124 20.85 -19.15 -28.63
CA LYS B 124 20.68 -20.60 -28.68
C LYS B 124 20.01 -21.04 -29.97
N ALA B 125 19.09 -20.22 -30.50
CA ALA B 125 18.32 -20.56 -31.69
C ALA B 125 18.96 -20.06 -32.98
N SER B 126 20.06 -19.32 -32.89
CA SER B 126 20.73 -18.77 -34.06
C SER B 126 21.49 -19.86 -34.76
N GLN C 6 -19.19 -17.38 20.52
CA GLN C 6 -19.47 -15.99 20.17
C GLN C 6 -19.57 -15.84 18.63
N ILE C 7 -20.11 -14.72 18.21
CA ILE C 7 -20.26 -14.43 16.79
C ILE C 7 -18.91 -13.94 16.27
N GLN C 8 -18.42 -14.55 15.18
CA GLN C 8 -17.09 -14.30 14.65
CA GLN C 8 -17.08 -14.28 14.66
C GLN C 8 -17.17 -13.41 13.41
N PHE C 9 -16.36 -12.35 13.38
CA PHE C 9 -16.23 -11.44 12.24
C PHE C 9 -14.90 -11.80 11.55
N THR C 10 -14.99 -12.52 10.44
CA THR C 10 -13.76 -13.07 9.86
C THR C 10 -12.87 -12.00 9.24
N ARG C 11 -13.41 -10.87 8.81
CA ARG C 11 -12.57 -9.84 8.21
C ARG C 11 -12.06 -8.81 9.22
N HIS C 12 -12.48 -8.90 10.48
CA HIS C 12 -12.17 -7.83 11.43
C HIS C 12 -10.69 -7.65 11.62
N ALA C 13 -9.95 -8.75 11.86
CA ALA C 13 -8.52 -8.59 12.16
C ALA C 13 -7.73 -7.99 11.00
N SER C 14 -8.03 -8.40 9.76
CA SER C 14 -7.32 -7.78 8.64
CA SER C 14 -7.35 -7.80 8.61
C SER C 14 -7.71 -6.31 8.45
N ASP C 15 -8.97 -5.95 8.76
CA ASP C 15 -9.40 -4.57 8.63
C ASP C 15 -8.72 -3.73 9.69
N VAL C 16 -8.58 -4.26 10.93
CA VAL C 16 -7.83 -3.54 11.94
C VAL C 16 -6.40 -3.27 11.47
N LEU C 17 -5.73 -4.30 10.93
CA LEU C 17 -4.35 -4.15 10.50
C LEU C 17 -4.24 -3.12 9.36
N LEU C 18 -5.19 -3.15 8.41
CA LEU C 18 -5.19 -2.13 7.36
C LEU C 18 -5.27 -0.73 7.97
N ASN C 19 -6.17 -0.54 8.93
CA ASN C 19 -6.31 0.77 9.54
C ASN C 19 -5.06 1.15 10.33
N LEU C 20 -4.38 0.19 11.01
CA LEU C 20 -3.11 0.50 11.66
C LEU C 20 -2.06 0.93 10.65
N ASN C 21 -2.01 0.29 9.45
CA ASN C 21 -1.07 0.69 8.41
C ASN C 21 -1.40 2.07 7.87
N ARG C 22 -2.69 2.39 7.74
CA ARG C 22 -3.08 3.76 7.34
C ARG C 22 -2.61 4.78 8.37
N LEU C 23 -2.73 4.47 9.65
CA LEU C 23 -2.23 5.38 10.66
C LEU C 23 -0.72 5.55 10.53
N ARG C 24 0.00 4.45 10.29
CA ARG C 24 1.45 4.54 10.15
C ARG C 24 1.82 5.42 8.98
N SER C 25 1.11 5.24 7.86
CA SER C 25 1.42 6.04 6.67
C SER C 25 1.23 7.53 6.90
N ARG C 26 0.33 7.94 7.81
CA ARG C 26 0.11 9.35 8.12
C ARG C 26 0.85 9.79 9.38
N ASP C 27 1.68 8.91 9.96
CA ASP C 27 2.43 9.21 11.16
C ASP C 27 1.53 9.56 12.32
N ILE C 28 0.39 8.87 12.44
CA ILE C 28 -0.56 9.10 13.52
C ILE C 28 -0.28 8.09 14.60
N LEU C 29 0.04 8.59 15.79
CA LEU C 29 0.28 7.84 17.02
C LEU C 29 1.49 6.94 16.96
N THR C 30 2.33 7.09 15.94
CA THR C 30 3.62 6.40 15.95
C THR C 30 4.39 6.90 17.18
N ASP C 31 5.07 5.98 17.85
CA ASP C 31 5.66 6.32 19.13
C ASP C 31 7.11 5.88 19.24
N VAL C 32 7.72 5.43 18.14
CA VAL C 32 9.14 5.09 18.15
C VAL C 32 9.74 5.30 16.78
N VAL C 33 11.01 5.66 16.76
CA VAL C 33 11.85 5.63 15.57
C VAL C 33 12.83 4.50 15.77
N ILE C 34 12.83 3.56 14.84
CA ILE C 34 13.81 2.48 14.83
C ILE C 34 14.92 2.95 13.91
N VAL C 35 16.17 2.88 14.38
CA VAL C 35 17.33 3.33 13.62
C VAL C 35 18.15 2.11 13.25
N VAL C 36 18.42 1.96 11.97
CA VAL C 36 19.27 0.88 11.46
C VAL C 36 20.37 1.57 10.68
N SER C 37 21.55 1.70 11.31
CA SER C 37 22.68 2.44 10.74
C SER C 37 22.18 3.84 10.43
N ARG C 38 22.16 4.25 9.18
CA ARG C 38 21.70 5.60 8.87
C ARG C 38 20.18 5.73 8.96
N GLU C 39 19.45 4.66 8.73
CA GLU C 39 18.10 4.73 8.24
C GLU C 39 17.11 4.75 9.40
N GLN C 40 16.04 5.53 9.25
CA GLN C 40 15.05 5.72 10.31
C GLN C 40 13.70 5.21 9.85
N PHE C 41 13.01 4.50 10.74
CA PHE C 41 11.69 3.95 10.47
C PHE C 41 10.77 4.29 11.64
N ARG C 42 9.63 4.88 11.34
CA ARG C 42 8.64 5.17 12.36
C ARG C 42 7.62 4.03 12.46
N ALA C 43 7.23 3.71 13.67
CA ALA C 43 6.28 2.64 13.88
C ALA C 43 5.53 2.81 15.20
N HIS C 44 4.58 1.91 15.41
CA HIS C 44 3.86 1.76 16.68
C HIS C 44 4.50 0.63 17.47
N LYS C 45 4.96 0.95 18.69
CA LYS C 45 5.56 -0.06 19.53
C LYS C 45 4.66 -1.30 19.73
N THR C 46 3.35 -1.10 19.88
CA THR C 46 2.46 -2.25 20.10
C THR C 46 2.53 -3.23 18.93
N VAL C 47 2.54 -2.70 17.69
CA VAL C 47 2.63 -3.59 16.53
C VAL C 47 3.98 -4.29 16.50
N LEU C 48 5.05 -3.56 16.80
CA LEU C 48 6.36 -4.18 16.84
C LEU C 48 6.38 -5.34 17.83
N MET C 49 5.86 -5.11 19.05
CA MET C 49 5.86 -6.17 20.06
C MET C 49 5.01 -7.36 19.63
N ALA C 50 3.92 -7.08 18.90
CA ALA C 50 2.99 -8.12 18.47
C ALA C 50 3.58 -8.98 17.38
N CYS C 51 4.62 -8.50 16.70
CA CYS C 51 5.14 -9.17 15.53
C CYS C 51 6.55 -9.71 15.63
N SER C 52 7.28 -9.43 16.71
CA SER C 52 8.70 -9.74 16.75
C SER C 52 9.13 -10.11 18.16
N GLY C 53 9.83 -11.23 18.29
CA GLY C 53 10.35 -11.59 19.60
C GLY C 53 11.36 -10.58 20.12
N LEU C 54 12.17 -10.02 19.23
CA LEU C 54 13.13 -9.02 19.67
C LEU C 54 12.40 -7.82 20.25
N PHE C 55 11.46 -7.25 19.49
CA PHE C 55 10.78 -6.06 20.02
C PHE C 55 9.95 -6.37 21.24
N TYR C 56 9.36 -7.55 21.30
CA TYR C 56 8.68 -7.92 22.53
C TYR C 56 9.62 -7.90 23.72
N SER C 57 10.81 -8.50 23.57
CA SER C 57 11.76 -8.51 24.68
CA SER C 57 11.77 -8.51 24.66
C SER C 57 12.22 -7.10 25.03
N ILE C 58 12.44 -6.24 24.04
CA ILE C 58 12.90 -4.88 24.30
C ILE C 58 11.83 -4.09 25.06
N PHE C 59 10.59 -4.07 24.51
CA PHE C 59 9.61 -3.16 25.10
C PHE C 59 8.88 -3.72 26.31
N THR C 60 9.01 -5.03 26.60
CA THR C 60 8.48 -5.49 27.87
C THR C 60 9.30 -4.94 29.03
N ASP C 61 10.60 -4.72 28.83
CA ASP C 61 11.46 -4.04 29.79
C ASP C 61 10.97 -2.62 29.99
N GLN C 62 10.58 -2.33 31.22
CA GLN C 62 9.93 -1.05 31.46
C GLN C 62 10.88 0.10 31.29
N LEU C 63 12.19 -0.12 31.39
CA LEU C 63 13.12 0.97 31.16
C LEU C 63 13.24 1.29 29.68
N LYS C 64 13.12 0.30 28.79
CA LYS C 64 13.20 0.52 27.35
C LYS C 64 11.84 0.86 26.76
N ARG C 65 10.76 0.48 27.44
CA ARG C 65 9.43 0.67 26.89
C ARG C 65 9.14 2.13 26.56
N ASN C 66 9.69 3.06 27.34
CA ASN C 66 9.41 4.47 27.17
C ASN C 66 10.36 5.17 26.21
N LEU C 67 11.34 4.49 25.65
CA LEU C 67 12.24 5.13 24.70
C LEU C 67 11.51 5.46 23.41
N SER C 68 11.81 6.64 22.86
CA SER C 68 11.22 7.05 21.60
C SER C 68 12.13 6.75 20.41
N VAL C 69 13.37 6.32 20.66
CA VAL C 69 14.32 5.95 19.62
C VAL C 69 15.02 4.65 20.08
N ILE C 70 15.11 3.68 19.19
CA ILE C 70 15.72 2.36 19.44
C ILE C 70 16.74 2.16 18.31
N ASN C 71 18.01 1.94 18.69
CA ASN C 71 19.02 1.60 17.70
C ASN C 71 19.15 0.10 17.60
N LEU C 72 19.01 -0.44 16.40
CA LEU C 72 19.24 -1.85 16.14
C LEU C 72 20.69 -2.06 15.70
N ASP C 73 21.08 -3.32 15.62
CA ASP C 73 22.37 -3.71 15.09
C ASP C 73 22.66 -2.96 13.80
N PRO C 74 23.73 -2.16 13.77
CA PRO C 74 24.09 -1.38 12.56
C PRO C 74 24.40 -2.21 11.33
N GLU C 75 24.67 -3.51 11.46
CA GLU C 75 24.99 -4.34 10.32
C GLU C 75 23.77 -5.06 9.73
N ILE C 76 22.58 -4.85 10.28
CA ILE C 76 21.35 -5.34 9.64
C ILE C 76 21.12 -4.57 8.34
N ASN C 77 20.62 -5.27 7.33
CA ASN C 77 20.32 -4.63 6.04
C ASN C 77 19.07 -3.77 6.20
N PRO C 78 19.14 -2.46 5.97
CA PRO C 78 17.96 -1.63 6.23
C PRO C 78 16.80 -1.96 5.33
N GLU C 79 17.06 -2.37 4.07
CA GLU C 79 15.96 -2.77 3.23
C GLU C 79 15.34 -4.07 3.74
N GLY C 80 16.14 -4.98 4.26
CA GLY C 80 15.58 -6.15 4.92
C GLY C 80 14.63 -5.76 6.04
N PHE C 81 15.05 -4.79 6.86
CA PHE C 81 14.18 -4.32 7.93
C PHE C 81 12.91 -3.67 7.39
N ASN C 82 13.04 -2.83 6.35
CA ASN C 82 11.87 -2.19 5.73
C ASN C 82 10.89 -3.23 5.22
N ILE C 83 11.40 -4.29 4.57
CA ILE C 83 10.55 -5.36 4.08
C ILE C 83 9.77 -5.99 5.20
N LEU C 84 10.44 -6.28 6.32
CA LEU C 84 9.76 -6.95 7.42
C LEU C 84 8.81 -6.02 8.15
N LEU C 85 9.15 -4.74 8.25
CA LEU C 85 8.21 -3.79 8.84
C LEU C 85 6.93 -3.70 8.02
N ASP C 86 7.07 -3.64 6.71
CA ASP C 86 5.89 -3.62 5.86
C ASP C 86 5.09 -4.91 6.04
N PHE C 87 5.79 -6.04 6.15
CA PHE C 87 5.11 -7.31 6.38
C PHE C 87 4.30 -7.26 7.68
N MET C 88 4.85 -6.67 8.74
CA MET C 88 4.16 -6.59 10.03
C MET C 88 2.82 -5.92 9.85
N TYR C 89 2.76 -4.88 9.02
CA TYR C 89 1.57 -4.08 8.86
C TYR C 89 0.64 -4.52 7.74
N THR C 90 1.00 -5.56 6.97
CA THR C 90 0.22 -5.96 5.81
C THR C 90 -0.06 -7.44 5.70
N SER C 91 0.74 -8.32 6.30
CA SER C 91 0.63 -9.77 6.13
C SER C 91 1.23 -10.27 4.84
N ARG C 92 1.84 -9.41 4.03
CA ARG C 92 2.32 -9.78 2.71
C ARG C 92 3.83 -9.70 2.69
N LEU C 93 4.44 -10.60 1.92
CA LEU C 93 5.87 -10.69 1.77
C LEU C 93 6.22 -11.08 0.34
N ASN C 94 7.14 -10.35 -0.30
CA ASN C 94 7.62 -10.67 -1.64
C ASN C 94 9.05 -11.14 -1.51
N LEU C 95 9.26 -12.44 -1.66
CA LEU C 95 10.60 -13.03 -1.60
C LEU C 95 11.11 -13.23 -3.01
N ARG C 96 12.40 -12.92 -3.21
CA ARG C 96 13.02 -13.12 -4.51
C ARG C 96 14.49 -13.45 -4.27
N GLU C 97 15.15 -13.94 -5.30
CA GLU C 97 16.54 -14.31 -5.12
C GLU C 97 17.37 -13.14 -4.63
N GLY C 98 17.04 -11.93 -5.06
CA GLY C 98 17.78 -10.75 -4.65
C GLY C 98 17.56 -10.29 -3.23
N ASN C 99 16.57 -10.81 -2.51
CA ASN C 99 16.36 -10.41 -1.13
C ASN C 99 16.26 -11.57 -0.13
N ILE C 100 16.29 -12.83 -0.59
CA ILE C 100 16.01 -13.95 0.32
C ILE C 100 16.97 -13.97 1.50
N MET C 101 18.27 -13.83 1.24
CA MET C 101 19.23 -13.98 2.34
C MET C 101 19.11 -12.82 3.33
N ALA C 102 18.91 -11.61 2.83
CA ALA C 102 18.73 -10.46 3.71
C ALA C 102 17.45 -10.59 4.54
N VAL C 103 16.36 -11.00 3.92
CA VAL C 103 15.12 -11.13 4.68
C VAL C 103 15.26 -12.21 5.71
N MET C 104 15.88 -13.34 5.34
CA MET C 104 16.00 -14.43 6.30
C MET C 104 16.84 -14.02 7.49
N ALA C 105 18.00 -13.43 7.25
CA ALA C 105 18.86 -13.01 8.36
C ALA C 105 18.17 -11.98 9.24
N THR C 106 17.46 -11.03 8.61
CA THR C 106 16.76 -10.01 9.39
C THR C 106 15.66 -10.63 10.22
N ALA C 107 14.93 -11.59 9.65
CA ALA C 107 13.88 -12.26 10.40
C ALA C 107 14.46 -13.06 11.56
N MET C 108 15.61 -13.70 11.36
CA MET C 108 16.26 -14.37 12.48
C MET C 108 16.56 -13.37 13.61
N TYR C 109 17.15 -12.23 13.26
CA TYR C 109 17.47 -11.23 14.25
C TYR C 109 16.22 -10.71 14.95
N LEU C 110 15.17 -10.43 14.18
CA LEU C 110 13.92 -9.91 14.77
C LEU C 110 13.13 -11.00 15.49
N GLN C 111 13.49 -12.27 15.35
CA GLN C 111 12.82 -13.38 16.02
C GLN C 111 11.39 -13.52 15.51
N MET C 112 11.26 -13.72 14.20
CA MET C 112 9.97 -13.87 13.48
C MET C 112 10.06 -15.27 12.83
N GLU C 113 9.68 -16.28 13.62
CA GLU C 113 9.97 -17.65 13.23
C GLU C 113 9.21 -18.12 12.00
N HIS C 114 7.95 -17.70 11.82
N HIS C 114 7.95 -17.70 11.85
CA HIS C 114 7.21 -18.15 10.64
CA HIS C 114 7.20 -18.11 10.67
C HIS C 114 7.74 -17.48 9.38
C HIS C 114 7.80 -17.52 9.40
N VAL C 115 8.27 -16.27 9.47
CA VAL C 115 9.01 -15.70 8.33
C VAL C 115 10.24 -16.52 8.03
N VAL C 116 11.01 -16.87 9.05
CA VAL C 116 12.19 -17.70 8.81
C VAL C 116 11.81 -18.99 8.12
N ASP C 117 10.74 -19.64 8.60
CA ASP C 117 10.31 -20.89 8.00
C ASP C 117 9.89 -20.72 6.55
N THR C 118 9.20 -19.63 6.23
CA THR C 118 8.83 -19.36 4.84
C THR C 118 10.05 -19.08 3.98
N CYS C 119 11.10 -18.46 4.54
CA CYS C 119 12.34 -18.30 3.80
C CYS C 119 12.96 -19.65 3.51
N ARG C 120 12.88 -20.57 4.47
CA ARG C 120 13.39 -21.92 4.21
C ARG C 120 12.62 -22.58 3.10
N LYS C 121 11.30 -22.43 3.09
CA LYS C 121 10.50 -22.98 2.01
C LYS C 121 10.94 -22.42 0.66
N PHE C 122 11.23 -21.12 0.62
CA PHE C 122 11.64 -20.49 -0.62
C PHE C 122 12.98 -21.04 -1.08
N ILE C 123 13.91 -21.24 -0.15
CA ILE C 123 15.19 -21.84 -0.47
C ILE C 123 15.01 -23.25 -0.99
N LYS C 124 14.15 -24.03 -0.33
CA LYS C 124 13.96 -25.42 -0.74
C LYS C 124 13.36 -25.48 -2.13
N ALA C 125 12.44 -24.58 -2.44
CA ALA C 125 11.77 -24.56 -3.72
C ALA C 125 12.65 -23.98 -4.85
N SER C 126 13.73 -23.29 -4.53
CA SER C 126 14.61 -22.74 -5.54
C SER C 126 15.64 -23.79 -5.92
N SER D 5 8.29 -14.53 -5.43
CA SER D 5 7.04 -15.08 -4.89
C SER D 5 6.33 -14.04 -4.01
N GLN D 6 5.07 -13.80 -4.31
CA GLN D 6 4.22 -12.89 -3.54
C GLN D 6 3.40 -13.73 -2.55
N ILE D 7 3.66 -13.56 -1.26
CA ILE D 7 3.23 -14.50 -0.22
C ILE D 7 2.32 -13.79 0.75
N GLN D 8 1.23 -14.47 1.13
CA GLN D 8 0.35 -13.99 2.19
CA GLN D 8 0.33 -14.01 2.17
C GLN D 8 0.50 -14.91 3.39
N PHE D 9 0.42 -14.32 4.58
CA PHE D 9 0.42 -15.05 5.84
C PHE D 9 -0.99 -14.94 6.41
N THR D 10 -1.81 -15.97 6.18
CA THR D 10 -3.26 -15.87 6.42
C THR D 10 -3.60 -15.73 7.91
N ARG D 11 -2.70 -16.11 8.80
N ARG D 11 -2.70 -16.11 8.80
CA ARG D 11 -2.97 -16.01 10.23
CA ARG D 11 -2.98 -16.01 10.22
C ARG D 11 -2.30 -14.82 10.87
C ARG D 11 -2.36 -14.77 10.85
N HIS D 12 -1.59 -14.01 10.08
CA HIS D 12 -0.82 -12.92 10.69
C HIS D 12 -1.71 -11.88 11.35
N ALA D 13 -2.75 -11.42 10.67
CA ALA D 13 -3.55 -10.33 11.27
C ALA D 13 -4.25 -10.78 12.54
N SER D 14 -4.77 -12.02 12.58
CA SER D 14 -5.42 -12.47 13.80
CA SER D 14 -5.42 -12.52 13.79
C SER D 14 -4.43 -12.69 14.92
N ASP D 15 -3.18 -13.11 14.59
CA ASP D 15 -2.15 -13.27 15.59
C ASP D 15 -1.70 -11.91 16.13
N VAL D 16 -1.61 -10.90 15.27
CA VAL D 16 -1.33 -9.55 15.74
C VAL D 16 -2.39 -9.10 16.72
N LEU D 17 -3.66 -9.29 16.37
CA LEU D 17 -4.73 -8.80 17.23
C LEU D 17 -4.76 -9.53 18.59
N LEU D 18 -4.45 -10.83 18.57
CA LEU D 18 -4.37 -11.59 19.79
C LEU D 18 -3.26 -11.04 20.69
N ASN D 19 -2.11 -10.72 20.10
CA ASN D 19 -1.03 -10.12 20.89
C ASN D 19 -1.35 -8.71 21.37
N LEU D 20 -2.10 -7.92 20.59
CA LEU D 20 -2.57 -6.62 21.09
C LEU D 20 -3.50 -6.78 22.27
N ASN D 21 -4.36 -7.81 22.24
CA ASN D 21 -5.24 -8.06 23.37
C ASN D 21 -4.44 -8.49 24.60
N ARG D 22 -3.41 -9.29 24.41
CA ARG D 22 -2.53 -9.64 25.51
C ARG D 22 -1.84 -8.42 26.13
N LEU D 23 -1.36 -7.50 25.29
CA LEU D 23 -0.81 -6.26 25.83
C LEU D 23 -1.86 -5.46 26.59
N ARG D 24 -3.08 -5.40 26.09
CA ARG D 24 -4.13 -4.69 26.82
C ARG D 24 -4.37 -5.33 28.18
N SER D 25 -4.38 -6.67 28.24
CA SER D 25 -4.63 -7.37 29.49
C SER D 25 -3.54 -7.09 30.52
N ARG D 26 -2.34 -6.80 30.07
CA ARG D 26 -1.20 -6.48 30.95
C ARG D 26 -1.00 -4.99 31.09
N ASP D 27 -1.89 -4.19 30.51
CA ASP D 27 -1.81 -2.73 30.54
C ASP D 27 -0.48 -2.22 30.00
N ILE D 28 0.00 -2.85 28.94
CA ILE D 28 1.25 -2.45 28.30
C ILE D 28 0.95 -1.51 27.16
N LEU D 29 1.48 -0.29 27.28
CA LEU D 29 1.43 0.75 26.26
C LEU D 29 0.01 1.27 25.99
N THR D 30 -0.93 0.96 26.85
CA THR D 30 -2.21 1.64 26.80
C THR D 30 -1.99 3.12 27.03
N ASP D 31 -2.77 3.93 26.32
CA ASP D 31 -2.57 5.37 26.30
C ASP D 31 -3.84 6.15 26.47
N VAL D 32 -4.94 5.48 26.81
CA VAL D 32 -6.17 6.23 27.08
C VAL D 32 -7.02 5.45 28.04
N VAL D 33 -7.77 6.17 28.85
CA VAL D 33 -8.85 5.59 29.63
CA VAL D 33 -8.85 5.62 29.68
C VAL D 33 -10.16 6.16 29.14
N ILE D 34 -11.07 5.26 28.80
CA ILE D 34 -12.42 5.62 28.40
C ILE D 34 -13.29 5.49 29.64
N VAL D 35 -14.03 6.55 29.95
CA VAL D 35 -14.86 6.62 31.15
C VAL D 35 -16.30 6.56 30.68
N VAL D 36 -17.08 5.64 31.27
CA VAL D 36 -18.51 5.53 31.00
C VAL D 36 -19.18 5.60 32.38
N SER D 37 -19.72 6.76 32.73
CA SER D 37 -20.19 7.03 34.10
C SER D 37 -19.06 6.77 35.09
N ARG D 38 -19.19 5.73 35.92
CA ARG D 38 -18.13 5.43 36.87
C ARG D 38 -17.24 4.29 36.43
N GLU D 39 -17.47 3.74 35.25
CA GLU D 39 -16.66 2.65 34.77
C GLU D 39 -15.52 3.18 33.92
N GLN D 40 -14.38 2.55 34.06
CA GLN D 40 -13.17 2.95 33.35
C GLN D 40 -12.66 1.78 32.53
N PHE D 41 -12.21 2.08 31.32
CA PHE D 41 -11.67 1.07 30.41
C PHE D 41 -10.35 1.58 29.85
N ARG D 42 -9.30 0.79 30.02
CA ARG D 42 -8.00 1.15 29.46
C ARG D 42 -7.80 0.51 28.09
N ALA D 43 -7.23 1.28 27.16
CA ALA D 43 -7.10 0.79 25.80
C ALA D 43 -5.96 1.48 25.09
N HIS D 44 -5.71 1.02 23.86
CA HIS D 44 -4.78 1.65 22.95
C HIS D 44 -5.58 2.49 21.95
N LYS D 45 -5.23 3.76 21.83
CA LYS D 45 -5.92 4.67 20.89
C LYS D 45 -5.90 4.11 19.48
N THR D 46 -4.76 3.53 19.06
CA THR D 46 -4.68 3.02 17.70
C THR D 46 -5.77 1.98 17.41
N VAL D 47 -5.98 1.05 18.35
CA VAL D 47 -7.00 0.03 18.15
C VAL D 47 -8.39 0.66 18.16
N LEU D 48 -8.65 1.58 19.07
CA LEU D 48 -9.97 2.22 19.09
C LEU D 48 -10.25 2.93 17.77
N MET D 49 -9.25 3.67 17.25
CA MET D 49 -9.41 4.41 16.00
C MET D 49 -9.64 3.46 14.85
N ALA D 50 -8.97 2.30 14.88
CA ALA D 50 -9.08 1.33 13.81
C ALA D 50 -10.42 0.67 13.79
N CYS D 51 -11.17 0.70 14.90
CA CYS D 51 -12.39 -0.06 15.02
C CYS D 51 -13.66 0.76 15.15
N SER D 52 -13.57 2.09 15.23
CA SER D 52 -14.74 2.88 15.58
C SER D 52 -14.70 4.23 14.90
N GLY D 53 -15.79 4.61 14.25
CA GLY D 53 -15.86 5.92 13.66
C GLY D 53 -15.79 7.02 14.70
N LEU D 54 -16.43 6.80 15.85
CA LEU D 54 -16.40 7.80 16.91
C LEU D 54 -14.99 8.02 17.41
N PHE D 55 -14.28 6.94 17.72
CA PHE D 55 -12.90 7.08 18.20
C PHE D 55 -11.96 7.63 17.12
N TYR D 56 -12.18 7.25 15.86
CA TYR D 56 -11.36 7.83 14.79
C TYR D 56 -11.55 9.32 14.75
N SER D 57 -12.80 9.79 14.87
CA SER D 57 -13.07 11.22 14.91
CA SER D 57 -13.07 11.23 14.91
C SER D 57 -12.45 11.90 16.14
N ILE D 58 -12.62 11.30 17.32
CA ILE D 58 -12.08 11.90 18.55
C ILE D 58 -10.56 12.05 18.45
N PHE D 59 -9.87 10.99 18.07
CA PHE D 59 -8.42 11.00 18.12
C PHE D 59 -7.77 11.62 16.88
N THR D 60 -8.55 12.13 15.91
CA THR D 60 -8.05 13.08 14.90
C THR D 60 -8.57 14.51 15.12
N ASP D 61 -9.35 14.76 16.15
CA ASP D 61 -9.94 16.07 16.42
C ASP D 61 -8.89 16.97 17.05
N GLN D 62 -8.69 18.15 16.47
CA GLN D 62 -7.68 19.05 17.01
C GLN D 62 -7.91 19.38 18.49
N LEU D 63 -9.15 19.34 18.98
CA LEU D 63 -9.41 19.68 20.37
C LEU D 63 -9.25 18.50 21.31
N LYS D 64 -9.28 17.27 20.82
CA LYS D 64 -9.37 16.11 21.70
C LYS D 64 -8.28 15.08 21.49
N ARG D 65 -7.48 15.21 20.42
CA ARG D 65 -6.64 14.10 20.01
C ARG D 65 -5.57 13.75 21.04
N ASN D 66 -5.16 14.70 21.87
CA ASN D 66 -4.09 14.42 22.82
C ASN D 66 -4.58 14.07 24.21
N LEU D 67 -5.89 13.98 24.43
CA LEU D 67 -6.37 13.68 25.78
C LEU D 67 -6.05 12.24 26.16
N SER D 68 -5.77 12.02 27.44
CA SER D 68 -5.54 10.67 27.93
C SER D 68 -6.77 10.07 28.62
N VAL D 69 -7.82 10.85 28.79
CA VAL D 69 -9.09 10.41 29.35
C VAL D 69 -10.20 10.95 28.46
N ILE D 70 -11.09 10.07 28.02
CA ILE D 70 -12.23 10.41 27.21
C ILE D 70 -13.47 9.98 27.99
N ASN D 71 -14.35 10.94 28.25
CA ASN D 71 -15.62 10.66 28.89
C ASN D 71 -16.69 10.49 27.83
N LEU D 72 -17.25 9.30 27.74
CA LEU D 72 -18.36 9.07 26.84
C LEU D 72 -19.66 9.45 27.56
N ASP D 73 -20.74 9.41 26.80
CA ASP D 73 -22.07 9.72 27.33
C ASP D 73 -22.34 8.77 28.51
N PRO D 74 -22.69 9.29 29.69
CA PRO D 74 -22.89 8.40 30.83
C PRO D 74 -24.16 7.56 30.73
N GLU D 75 -25.01 7.83 29.74
CA GLU D 75 -26.15 6.96 29.49
C GLU D 75 -25.79 5.70 28.75
N ILE D 76 -24.57 5.59 28.22
CA ILE D 76 -24.14 4.35 27.57
C ILE D 76 -24.06 3.23 28.60
N ASN D 77 -24.52 2.06 28.20
CA ASN D 77 -24.47 0.89 29.05
C ASN D 77 -23.03 0.40 29.14
N PRO D 78 -22.43 0.33 30.34
CA PRO D 78 -21.00 -0.03 30.39
C PRO D 78 -20.75 -1.45 29.93
N GLU D 79 -21.64 -2.38 30.23
CA GLU D 79 -21.43 -3.74 29.76
C GLU D 79 -21.51 -3.80 28.23
N GLY D 80 -22.42 -3.03 27.62
CA GLY D 80 -22.43 -2.94 26.17
C GLY D 80 -21.11 -2.42 25.63
N PHE D 81 -20.58 -1.37 26.25
CA PHE D 81 -19.27 -0.90 25.83
C PHE D 81 -18.20 -1.98 26.00
N ASN D 82 -18.22 -2.69 27.11
CA ASN D 82 -17.22 -3.72 27.37
C ASN D 82 -17.28 -4.82 26.31
N ILE D 83 -18.49 -5.23 25.95
CA ILE D 83 -18.66 -6.25 24.91
C ILE D 83 -18.03 -5.78 23.62
N LEU D 84 -18.24 -4.50 23.26
CA LEU D 84 -17.70 -3.95 22.03
C LEU D 84 -16.19 -3.80 22.09
N LEU D 85 -15.65 -3.36 23.23
CA LEU D 85 -14.20 -3.27 23.39
C LEU D 85 -13.55 -4.66 23.24
N ASP D 86 -14.14 -5.67 23.89
CA ASP D 86 -13.64 -7.02 23.70
C ASP D 86 -13.70 -7.47 22.23
N PHE D 87 -14.79 -7.13 21.53
CA PHE D 87 -14.88 -7.44 20.10
C PHE D 87 -13.74 -6.76 19.34
N MET D 88 -13.49 -5.48 19.61
CA MET D 88 -12.39 -4.82 18.94
C MET D 88 -11.12 -5.63 18.99
N TYR D 89 -10.79 -6.16 20.17
CA TYR D 89 -9.54 -6.84 20.40
C TYR D 89 -9.55 -8.35 20.10
N THR D 90 -10.69 -8.93 19.71
CA THR D 90 -10.82 -10.39 19.52
C THR D 90 -11.56 -10.82 18.26
N SER D 91 -12.32 -9.95 17.59
CA SER D 91 -13.15 -10.31 16.45
C SER D 91 -14.37 -11.12 16.83
N ARG D 92 -14.61 -11.31 18.13
CA ARG D 92 -15.73 -12.11 18.62
C ARG D 92 -16.67 -11.21 19.38
N LEU D 93 -17.97 -11.34 19.10
CA LEU D 93 -19.00 -10.46 19.63
C LEU D 93 -19.93 -11.29 20.51
N ASN D 94 -19.89 -11.02 21.81
CA ASN D 94 -20.65 -11.81 22.78
C ASN D 94 -22.08 -11.29 22.90
N LEU D 95 -22.86 -11.52 21.84
CA LEU D 95 -24.26 -11.11 21.78
C LEU D 95 -25.12 -12.15 22.45
N ARG D 96 -26.05 -11.68 23.28
CA ARG D 96 -26.99 -12.51 24.00
C ARG D 96 -28.34 -11.82 23.98
N GLU D 97 -29.38 -12.59 24.25
CA GLU D 97 -30.70 -11.99 24.24
C GLU D 97 -30.81 -10.81 25.20
N GLY D 98 -30.14 -10.91 26.36
CA GLY D 98 -30.22 -9.88 27.36
C GLY D 98 -29.36 -8.65 27.13
N ASN D 99 -28.47 -8.69 26.16
CA ASN D 99 -27.59 -7.55 25.91
C ASN D 99 -27.71 -6.99 24.50
N ILE D 100 -28.48 -7.63 23.60
CA ILE D 100 -28.41 -7.22 22.20
C ILE D 100 -28.82 -5.78 22.01
N MET D 101 -29.86 -5.32 22.73
CA MET D 101 -30.33 -3.97 22.46
C MET D 101 -29.31 -2.95 22.91
N ALA D 102 -28.68 -3.19 24.06
CA ALA D 102 -27.64 -2.31 24.54
C ALA D 102 -26.42 -2.33 23.63
N VAL D 103 -26.04 -3.51 23.13
CA VAL D 103 -24.87 -3.59 22.25
C VAL D 103 -25.16 -2.85 20.95
N MET D 104 -26.35 -3.07 20.38
CA MET D 104 -26.70 -2.41 19.14
C MET D 104 -26.68 -0.89 19.28
N ALA D 105 -27.29 -0.36 20.34
CA ALA D 105 -27.29 1.09 20.56
C ALA D 105 -25.88 1.61 20.80
N THR D 106 -25.07 0.87 21.55
CA THR D 106 -23.71 1.30 21.78
C THR D 106 -22.89 1.30 20.50
N ALA D 107 -23.11 0.29 19.64
CA ALA D 107 -22.41 0.23 18.37
C ALA D 107 -22.81 1.36 17.45
N MET D 108 -24.08 1.79 17.49
CA MET D 108 -24.51 2.96 16.76
C MET D 108 -23.71 4.17 17.21
N TYR D 109 -23.64 4.37 18.52
CA TYR D 109 -22.94 5.50 19.09
C TYR D 109 -21.47 5.48 18.72
N LEU D 110 -20.84 4.30 18.79
CA LEU D 110 -19.42 4.19 18.46
C LEU D 110 -19.15 4.18 16.94
N GLN D 111 -20.20 4.17 16.13
CA GLN D 111 -20.07 4.17 14.68
C GLN D 111 -19.31 2.93 14.21
N MET D 112 -19.89 1.76 14.51
CA MET D 112 -19.41 0.44 14.11
C MET D 112 -20.48 -0.22 13.25
N GLU D 113 -20.46 0.10 11.95
CA GLU D 113 -21.60 -0.18 11.10
C GLU D 113 -21.85 -1.69 10.94
N HIS D 114 -20.79 -2.48 10.79
CA HIS D 114 -20.99 -3.90 10.57
C HIS D 114 -21.47 -4.59 11.84
N VAL D 115 -21.06 -4.12 13.00
CA VAL D 115 -21.66 -4.63 14.23
C VAL D 115 -23.15 -4.32 14.27
N VAL D 116 -23.52 -3.07 13.97
CA VAL D 116 -24.94 -2.74 13.95
C VAL D 116 -25.71 -3.67 13.02
N ASP D 117 -25.19 -3.86 11.79
CA ASP D 117 -25.86 -4.70 10.80
C ASP D 117 -26.01 -6.13 11.31
N THR D 118 -24.99 -6.65 11.99
CA THR D 118 -25.06 -7.98 12.56
C THR D 118 -26.12 -8.04 13.67
N CYS D 119 -26.17 -7.03 14.52
CA CYS D 119 -27.21 -7.00 15.55
C CYS D 119 -28.59 -7.04 14.92
N ARG D 120 -28.78 -6.28 13.86
CA ARG D 120 -30.08 -6.21 13.21
C ARG D 120 -30.48 -7.57 12.70
N LYS D 121 -29.49 -8.34 12.21
CA LYS D 121 -29.78 -9.69 11.71
C LYS D 121 -30.29 -10.59 12.82
N PHE D 122 -29.80 -10.42 14.04
CA PHE D 122 -30.22 -11.27 15.15
C PHE D 122 -31.49 -10.77 15.79
N ILE D 123 -31.87 -9.54 15.51
CA ILE D 123 -33.23 -9.13 15.78
C ILE D 123 -34.14 -9.73 14.71
N LYS D 124 -33.74 -9.66 13.43
CA LYS D 124 -34.56 -10.24 12.36
C LYS D 124 -34.88 -11.70 12.66
N ALA D 125 -33.92 -12.43 13.24
CA ALA D 125 -34.13 -13.83 13.56
C ALA D 125 -34.87 -14.04 14.89
N SER D 126 -34.92 -13.05 15.77
CA SER D 126 -35.60 -13.17 17.07
C SER D 126 -36.67 -12.11 17.31
N GLU D 127 -36.37 -10.84 17.01
CA GLU D 127 -37.32 -9.71 17.07
C GLU D 127 -37.22 -8.95 18.39
S SO4 E . 6.98 -12.81 -21.28
O1 SO4 E . 8.31 -12.70 -21.84
O2 SO4 E . 6.09 -12.96 -22.44
O3 SO4 E . 6.92 -13.98 -20.40
O4 SO4 E . 6.73 -11.58 -20.47
C1 GOL F . 7.07 12.41 -14.38
C1 GOL F . 8.40 11.31 -14.28
O1 GOL F . 8.12 11.96 -15.17
O1 GOL F . 9.32 10.41 -13.68
C2 GOL F . 6.76 11.27 -13.36
C2 GOL F . 6.90 11.03 -13.87
O2 GOL F . 6.37 10.09 -13.99
O2 GOL F . 6.69 9.92 -13.03
C3 GOL F . 5.64 11.84 -12.45
C3 GOL F . 6.39 12.35 -13.20
O3 GOL F . 4.64 12.36 -13.33
O3 GOL F . 5.00 12.36 -13.33
H11 GOL F . 6.27 12.59 -14.90
H11 GOL F . 8.45 11.26 -15.26
H12 GOL F . 7.27 13.22 -13.90
H12 GOL F . 8.60 12.23 -14.05
HO1 GOL F . 10.03 10.86 -13.50
H2 GOL F . 7.55 11.06 -12.84
H2 GOL F . 6.41 10.80 -14.68
HO2 GOL F . 6.71 10.09 -14.77
HO2 GOL F . 5.89 9.94 -12.76
H31 GOL F . 6.02 12.50 -11.86
H31 GOL F . 6.83 13.10 -13.63
H32 GOL F . 5.31 11.14 -11.88
H32 GOL F . 6.70 12.37 -12.27
HO3 GOL F . 4.45 13.15 -13.05
HO3 GOL F . 4.73 13.15 -13.20
CL CL G . 6.83 -1.92 -1.48
C02 E3I H . -12.99 8.53 -21.70
C03 E3I H . -10.95 7.46 -20.82
C05 E3I H . -9.53 7.63 -20.57
C06 E3I H . -8.49 6.73 -20.04
C07 E3I H . -8.46 5.37 -19.56
C08 E3I H . -7.26 4.65 -19.57
C09 E3I H . -7.18 3.41 -19.11
C11 E3I H . -8.28 2.73 -18.58
C13 E3I H . -9.51 3.42 -18.54
C14 E3I H . -10.77 2.83 -17.99
C17 E3I H . -9.56 4.73 -19.01
C18 E3I H . -7.36 7.52 -20.10
C20 E3I H . -6.63 9.73 -20.73
C21 E3I H . -5.83 9.65 -21.97
C23 E3I H . -3.60 10.13 -22.98
C24 E3I H . -4.01 10.19 -24.33
C25 E3I H . -3.07 10.42 -25.37
C27 E3I H . -4.88 10.57 -27.06
C28 E3I H . -5.43 11.94 -26.74
C29 E3I H . -5.09 10.16 -28.56
C31 E3I H . -4.39 10.50 -30.74
C32 E3I H . -5.73 10.89 -31.38
C34 E3I H . -3.73 11.31 -31.87
C35 E3I H . -2.84 10.70 -29.05
C36 E3I H . -2.63 11.25 -27.70
C38 E3I H . -1.39 10.50 -23.76
C39 E3I H . -2.28 10.28 -22.71
C42 E3I H . -8.94 8.85 -20.94
C44 E3I H . -10.83 9.75 -21.70
C45 E3I H . -11.54 10.92 -22.26
F46 E3I H . -10.74 11.99 -22.49
F47 E3I H . -12.52 11.39 -21.58
F48 E3I H . -12.05 10.69 -23.54
N01 E3I H . -11.54 8.62 -21.43
N16 E3I H . -10.69 1.55 -17.55
N19 E3I H . -7.63 8.76 -20.60
N22 E3I H . -4.52 10.01 -21.91
N26 E3I H . -3.44 10.45 -26.66
N30 E3I H . -4.19 11.03 -29.35
N37 E3I H . -1.75 10.55 -25.04
N43 E3I H . -9.55 9.93 -21.47
O04 E3I H . -11.63 6.51 -20.59
O12 E3I H . -8.18 1.49 -18.12
O15 E3I H . -11.81 3.47 -17.87
O33 E3I H . -5.04 11.57 -32.45
O41 E3I H . -6.36 9.24 -22.98
CL10 E3I H . -5.63 2.63 -19.17
CL40 E3I H . -1.63 10.27 -21.13
H022 E3I H . -13.25 7.71 -22.07
H021 E3I H . -13.52 8.63 -20.94
H023 E3I H . -13.30 9.18 -22.30
H081 E3I H . -6.50 5.05 -19.93
H171 E3I H . -10.34 5.23 -18.98
H181 E3I H . -6.49 7.29 -19.84
H202 E3I H . -6.98 10.60 -20.67
H201 E3I H . -6.04 9.73 -20.00
H241 E3I H . -4.90 10.09 -24.59
H271 E3I H . -5.45 10.02 -26.55
H283 E3I H . -5.05 12.65 -27.22
H282 E3I H . -6.35 12.05 -26.88
H281 E3I H . -5.32 12.22 -25.85
H292 E3I H . -5.95 10.28 -28.94
H291 E3I H . -4.90 9.28 -28.83
H311 E3I H . -4.24 9.58 -30.78
H321 E3I H . -6.25 11.42 -30.81
H322 E3I H . -6.24 10.13 -31.62
H341 E3I H . -3.25 12.06 -31.54
H342 E3I H . -3.13 10.79 -32.38
H352 E3I H . -2.80 9.77 -29.20
H351 E3I H . -2.36 11.04 -29.78
H361 E3I H . -2.84 12.16 -27.71
H362 E3I H . -1.70 11.27 -27.52
H381 E3I H . -0.49 10.32 -23.61
H162 E3I H . -11.36 1.18 -17.21
H161 E3I H . -10.00 1.06 -17.58
H221 E3I H . -4.22 10.19 -21.10
H121 E3I H . -7.73 0.98 -18.58
C02 E3I I . 17.45 -7.74 -12.72
C03 E3I I . 15.48 -6.50 -13.56
C05 E3I I . 14.64 -5.32 -13.43
C06 E3I I . 13.45 -4.84 -14.12
C07 E3I I . 12.72 -5.30 -15.26
C08 E3I I . 11.37 -4.90 -15.38
C09 E3I I . 10.60 -5.22 -16.46
C11 E3I I . 11.07 -6.01 -17.51
C13 E3I I . 12.41 -6.45 -17.42
C14 E3I I . 13.05 -7.28 -18.44
C17 E3I I . 13.18 -6.06 -16.33
C18 E3I I . 13.14 -3.67 -13.40
C20 E3I I . 13.95 -2.42 -11.52
C21 E3I I . 12.96 -2.55 -10.41
C23 E3I I . 11.50 -1.33 -8.86
C24 E3I I . 11.51 -2.22 -7.80
C25 E3I I . 10.77 -2.01 -6.66
C27 E3I I . 11.47 -4.26 -5.66
C28 E3I I . 12.98 -4.01 -5.37
C29 E3I I . 10.81 -5.31 -4.75
C31 E3I I . 9.85 -5.78 -2.70
C32 E3I I . 10.57 -7.06 -2.38
C34 E3I I . 9.77 -5.58 -1.15
C35 E3I I . 9.80 -3.61 -3.48
C36 E3I I . 10.40 -2.51 -4.22
C38 E3I I . 10.03 -0.03 -7.50
C39 E3I I . 10.74 -0.19 -8.68
C42 E3I I . 14.93 -4.48 -12.36
C44 E3I I . 16.71 -5.66 -11.62
C45 E3I I . 17.80 -5.82 -10.68
F46 E3I I . 17.87 -4.85 -9.72
F47 E3I I . 18.98 -5.88 -11.10
F48 E3I I . 17.62 -6.94 -9.88
N01 E3I I . 16.52 -6.59 -12.59
N16 E3I I . 12.27 -7.71 -19.46
N19 E3I I . 14.03 -3.48 -12.40
N22 E3I I . 12.31 -1.46 -9.97
N26 E3I I . 10.77 -2.93 -5.60
N30 E3I I . 10.65 -4.74 -3.42
N37 E3I I . 10.05 -0.89 -6.53
N43 E3I I . 15.93 -4.60 -11.44
O04 E3I I . 15.43 -7.31 -14.47
O12 E3I I . 10.33 -6.33 -18.54
O15 E3I I . 14.26 -7.61 -18.37
O33 E3I I . 10.31 -6.84 -0.92
O41 E3I I . 12.82 -3.69 -9.91
CL10 E3I I . 8.97 -4.64 -16.45
CL40 E3I I . 10.66 1.07 -9.84
H022 E3I I . 17.18 -8.37 -13.35
H021 E3I I . 17.57 -8.22 -11.92
H023 E3I I . 18.31 -7.49 -12.99
H081 E3I I . 11.00 -4.39 -14.69
H171 E3I I . 14.08 -6.31 -16.26
H181 E3I I . 12.45 -3.07 -13.55
H202 E3I I . 13.79 -1.61 -11.97
H201 E3I I . 14.79 -2.23 -11.14
H241 E3I I . 12.01 -3.01 -7.84
H271 E3I I . 11.47 -4.68 -6.50
H283 E3I I . 13.31 -4.44 -4.60
H282 E3I I . 13.21 -3.11 -5.22
H281 E3I I . 13.57 -4.28 -6.04
H292 E3I I . 11.28 -6.11 -4.59
H291 E3I I . 9.96 -5.63 -4.97
H311 E3I I . 9.03 -5.94 -3.13
H321 E3I I . 11.47 -7.03 -2.66
H322 E3I I . 10.18 -7.80 -2.78
H341 E3I I . 8.88 -5.45 -0.85
H342 E3I I . 10.28 -4.85 -0.86
H352 E3I I . 9.01 -4.02 -3.80
H351 E3I I . 9.61 -3.49 -2.57
H361 E3I I . 9.81 -1.78 -4.20
H362 E3I I . 11.12 -2.18 -3.73
H381 E3I I . 9.31 0.57 -7.50
H162 E3I I . 12.59 -8.20 -20.08
H161 E3I I . 11.43 -7.55 -19.56
H221 E3I I . 12.42 -0.75 -10.47
H121 E3I I . 9.56 -6.56 -18.36
CL CL J . -0.75 8.00 -31.19
C1 GOL K . -1.07 3.17 21.62
C1 GOL K . -0.73 4.08 20.19
O1 GOL K . -2.16 3.74 20.90
O1 GOL K . -2.11 4.03 20.60
C2 GOL K . 0.14 2.94 20.65
C2 GOL K . 0.04 2.72 20.49
O2 GOL K . 0.56 4.13 20.03
O2 GOL K . -0.62 1.56 20.08
C3 GOL K . 1.24 2.30 21.61
C3 GOL K . 1.40 2.86 19.72
O3 GOL K . 2.36 1.74 20.82
O3 GOL K . 2.20 1.79 20.13
H11 GOL K . -1.31 2.33 22.03
H11 GOL K . -0.25 4.79 20.62
H12 GOL K . -0.79 3.75 22.34
H12 GOL K . -0.65 4.25 19.23
HO1 GOL K . -2.19 4.57 21.09
HO1 GOL K . -2.26 4.75 21.04
H2 GOL K . -0.08 2.34 19.93
H2 GOL K . 0.13 2.64 21.46
HO2 GOL K . 1.35 4.02 19.76
HO2 GOL K . -0.96 1.20 20.77
H31 GOL K . 0.80 1.63 22.16
H31 GOL K . 1.79 3.73 19.92
H32 GOL K . 1.53 2.99 22.23
H32 GOL K . 1.22 2.86 18.77
HO3 GOL K . 3.07 2.16 21.06
HO3 GOL K . 2.84 2.11 20.60
C02 E3I L . 9.69 -16.64 17.54
C03 E3I L . 7.88 -15.07 16.86
C05 E3I L . 7.03 -13.94 17.26
C06 E3I L . 5.96 -13.22 16.63
C07 E3I L . 5.33 -13.31 15.34
C08 E3I L . 4.01 -12.79 15.23
C09 E3I L . 3.36 -12.81 14.06
C11 E3I L . 3.90 -13.30 12.87
C13 E3I L . 5.23 -13.82 12.93
C14 E3I L . 5.94 -14.39 11.74
C17 E3I L . 5.90 -13.79 14.16
C18 E3I L . 5.62 -12.31 17.59
C20 E3I L . 6.20 -11.55 19.80
C21 E3I L . 5.15 -11.93 20.80
C23 E3I L . 3.60 -11.10 22.46
C24 E3I L . 3.51 -12.23 23.20
C25 E3I L . 2.64 -12.33 24.33
C27 E3I L . 3.39 -14.78 24.73
C28 E3I L . 4.64 -14.70 25.58
C29 E3I L . 2.57 -16.13 24.99
C31 E3I L . 0.85 -17.22 26.05
C32 E3I L . 1.47 -18.60 26.29
C34 E3I L . -0.06 -17.53 27.22
C35 E3I L . 0.93 -14.92 26.36
C36 E3I L . 1.73 -13.66 26.35
C38 E3I L . 2.04 -10.12 23.99
C39 E3I L . 2.90 -10.03 22.87
C42 E3I L . 7.25 -13.41 18.52
C44 E3I L . 8.89 -14.86 19.09
C45 E3I L . 9.87 -15.31 20.08
F46 E3I L . 9.81 -14.65 21.25
F47 E3I L . 11.08 -15.32 19.74
F48 E3I L . 9.59 -16.62 20.54
N01 E3I L . 8.82 -15.47 17.87
N16 E3I L . 5.26 -14.43 10.57
N19 E3I L . 6.35 -12.37 18.66
N22 E3I L . 4.50 -10.98 21.42
N26 E3I L . 2.54 -13.55 25.02
N30 E3I L . 1.81 -16.06 26.23
N37 E3I L . 1.91 -11.24 24.70
N43 E3I L . 8.15 -13.85 19.46
O04 E3I L . 7.86 -15.66 15.80
O12 E3I L . 3.22 -13.31 11.71
O15 E3I L . 7.10 -14.81 11.84
O33 E3I L . 0.71 -18.73 27.48
O41 E3I L . 4.95 -13.14 20.95
CL10 E3I L . 1.74 -12.15 14.00
CL40 E3I L . 2.93 -8.53 22.12
H022 E3I L . 9.76 -17.27 18.23
H021 E3I L . 10.58 -16.40 17.34
H023 E3I L . 9.41 -17.13 16.79
H081 E3I L . 3.60 -12.42 15.98
H171 E3I L . 6.76 -14.10 14.24
H181 E3I L . 4.93 -11.68 17.53
H202 E3I L . 7.01 -11.45 20.26
H201 E3I L . 6.03 -10.65 19.54
H241 E3I L . 4.02 -12.98 23.01
H271 E3I L . 3.70 -14.84 23.85
H283 E3I L . 5.37 -15.19 25.26
H282 E3I L . 4.99 -13.84 25.70
H281 E3I L . 4.55 -15.02 26.46
H292 E3I L . 3.06 -16.93 25.08
H291 E3I L . 1.93 -16.38 24.35
H311 E3I L . 0.39 -17.14 25.25
H321 E3I L . 2.41 -18.56 26.38
H322 E3I L . 1.28 -19.19 25.59
H341 E3I L . -0.94 -17.67 26.96
H342 E3I L . -0.04 -16.88 27.88
H352 E3I L . 0.44 -15.15 27.12
H351 E3I L . 0.32 -15.08 25.66
H361 E3I L . 1.16 -12.93 26.51
H362 E3I L . 2.28 -13.64 27.12
H381 E3I L . 1.35 -9.50 24.07
H162 E3I L . 5.64 -14.75 9.87
H161 E3I L . 4.46 -14.16 10.43
H221 E3I L . 4.66 -10.18 21.14
H121 E3I L . 2.72 -13.95 11.61
C02 E3I M . -19.00 3.25 10.12
C03 E3I M . -17.12 1.91 10.86
C05 E3I M . -15.72 1.87 11.26
C06 E3I M . -14.81 0.82 11.66
C07 E3I M . -14.91 -0.57 11.83
C08 E3I M . -13.73 -1.32 11.76
C09 E3I M . -13.74 -2.66 11.89
C11 E3I M . -14.91 -3.38 12.19
C13 E3I M . -16.13 -2.66 12.28
C14 E3I M . -17.43 -3.28 12.58
C17 E3I M . -16.11 -1.29 12.10
C18 E3I M . -13.64 1.54 11.90
C20 E3I M . -12.76 3.78 11.87
C21 E3I M . -11.80 3.98 10.71
C23 E3I M . -9.53 4.58 10.07
C24 E3I M . -9.79 5.04 8.79
C25 E3I M . -8.73 5.46 7.93
C27 E3I M . -10.34 6.09 6.16
C28 E3I M . -10.83 7.49 6.55
C29 E3I M . -10.47 5.83 4.58
C31 E3I M . -9.43 6.10 2.47
C32 E3I M . -10.64 6.60 1.71
C34 E3I M . -8.57 6.95 1.54
C35 E3I M . -8.11 6.21 4.37
C36 E3I M . -8.01 6.64 5.79
C38 E3I M . -7.23 5.07 9.61
C39 E3I M . -8.20 4.65 10.51
C42 E3I M . -15.05 3.12 11.30
C44 E3I M . -16.81 4.29 10.59
C45 E3I M . -17.35 5.60 10.23
F46 E3I M . -18.47 5.98 10.86
F47 E3I M . -16.56 6.62 10.33
F48 E3I M . -17.80 5.62 8.93
N01 E3I M . -17.60 3.19 10.51
N16 E3I M . -17.42 -4.62 12.75
N19 E3I M . -13.77 2.87 11.68
N22 E3I M . -10.51 4.24 10.99
N26 E3I M . -8.98 5.83 6.66
N30 E3I M . -9.39 6.61 3.91
N37 E3I M . -7.50 5.49 8.40
N43 E3I M . -15.54 4.31 10.94
O04 E3I M . -17.87 0.96 10.83
O12 E3I M . -14.87 -4.74 12.37
O15 E3I M . -18.45 -2.62 12.74
O33 E3I M . -9.75 7.38 0.87
O41 E3I M . -12.23 3.79 9.57
CL10 E3I M . -12.21 -3.53 11.78
CL40 E3I M . -7.73 4.16 12.06
H022 E3I M . -19.55 3.71 10.72
H021 E3I M . -19.14 3.68 9.30
H023 E3I M . -19.41 2.41 10.01
H081 E3I M . -12.92 -0.87 11.64
H171 E3I M . -16.89 -0.79 12.16
H181 E3I M . -12.83 1.19 12.18
H202 E3I M . -13.09 4.62 12.12
H201 E3I M . -12.24 3.57 12.63
H241 E3I M . -10.65 5.08 8.45
H271 E3I M . -10.98 5.53 6.57
H283 E3I M . -11.76 7.56 6.66
H282 E3I M . -10.50 7.83 7.36
H281 E3I M . -10.64 8.17 5.93
H292 E3I M . -10.35 4.96 4.27
H291 E3I M . -11.26 6.10 4.16
H311 E3I M . -9.31 5.17 2.39
H321 E3I M . -11.12 5.90 1.30
H322 E3I M . -11.24 7.07 2.26
H341 E3I M . -7.97 6.43 1.03
H342 E3I M . -8.08 7.61 2.00
H352 E3I M . -8.07 5.30 4.15
H351 E3I M . -7.52 6.59 3.73
H361 E3I M . -8.13 7.56 5.83
H362 E3I M . -7.11 6.56 6.07
H381 E3I M . -6.39 5.31 9.95
H162 E3I M . -18.12 -5.03 12.94
H161 E3I M . -16.73 -5.13 12.66
H221 E3I M . -10.29 4.20 11.83
H121 E3I M . -14.80 -5.17 11.67
S DMS N . 2.70 1.78 29.95
O DMS N . 3.07 0.38 29.62
C1 DMS N . 1.02 2.22 29.42
C2 DMS N . 3.64 2.74 28.72
H11 DMS N . 0.69 3.06 29.97
H12 DMS N . 0.38 1.40 29.58
H13 DMS N . 1.03 2.46 28.39
H21 DMS N . 3.68 3.75 29.01
H22 DMS N . 3.16 2.66 27.78
H23 DMS N . 4.62 2.34 28.65
S SO4 O . -0.36 -19.45 5.88
O1 SO4 O . 0.23 -20.50 5.02
O2 SO4 O . -0.67 -18.29 5.10
O3 SO4 O . -1.58 -19.95 6.49
O4 SO4 O . 0.61 -19.14 6.92
CL CL P . -4.11 19.78 19.31
#